data_3BA0
#
_entry.id   3BA0
#
_cell.length_a   135.037
_cell.length_b   60.148
_cell.length_c   59.611
_cell.angle_alpha   90.00
_cell.angle_beta   90.74
_cell.angle_gamma   90.00
#
_symmetry.space_group_name_H-M   'C 1 2 1'
#
loop_
_entity.id
_entity.type
_entity.pdbx_description
1 polymer 'Macrophage metalloelastase'
2 non-polymer 'ZINC ION'
3 non-polymer 'CALCIUM ION'
4 non-polymer 'ACETOHYDROXAMIC ACID'
5 water water
#
_entity_poly.entity_id   1
_entity_poly.type   'polypeptide(L)'
_entity_poly.pdbx_seq_one_letter_code
;GPVWRKHYITYRINNYTPDMNREDVDYAIRKAFQVWSNVTPLKFSKINTGMADILVVFARGAHGDDHAFDGKGGILAHAF
GPGSGIGGDAHFDEDEFWTTHSGGTNLFLTAVHEIGHSLGLGHSSDPKAVMFPTYKYVDINTFRLSADDIRGIQSLYGDP
KENQRLPNPDNSEPALCDPNLSFDAVTTVGNKIFFFKDRFFWLKVSERPKTSVNLISSLWPTLPSGIEAAYEIEARNQVF
LFKDDKYWLISNLRPEPNYPKSIHSFGFPNFVKKIDAAVFNPRFYRTYFFVDNQYWRYDERRQMMDPGYPKLITKNFQGI
GPKIDAVFYSKNKYYYFFQGSNQFEYDFLLQRITKTLKSNSWFGC
;
_entity_poly.pdbx_strand_id   A
#
loop_
_chem_comp.id
_chem_comp.type
_chem_comp.name
_chem_comp.formula
CA non-polymer 'CALCIUM ION' 'Ca 2'
HAE non-polymer 'ACETOHYDROXAMIC ACID' 'C2 H5 N O2'
ZN non-polymer 'ZINC ION' 'Zn 2'
#
# COMPACT_ATOMS: atom_id res chain seq x y z
N GLY A 1 -8.55 21.50 0.31
CA GLY A 1 -8.12 21.35 1.73
C GLY A 1 -6.90 20.44 1.76
N PRO A 2 -6.78 19.63 2.83
CA PRO A 2 -5.75 18.61 2.72
C PRO A 2 -6.46 17.39 2.00
N VAL A 3 -5.87 16.18 2.08
CA VAL A 3 -6.48 14.93 1.52
C VAL A 3 -6.02 13.73 2.30
N TRP A 4 -6.58 12.57 1.98
CA TRP A 4 -6.35 11.30 2.83
C TRP A 4 -5.04 10.61 2.45
N ARG A 5 -4.22 10.30 3.38
CA ARG A 5 -2.83 9.82 3.08
C ARG A 5 -2.79 8.25 3.21
N LYS A 6 -3.71 7.73 2.44
CA LYS A 6 -3.95 6.30 2.38
C LYS A 6 -4.76 6.06 1.06
N HIS A 7 -4.31 5.05 0.39
CA HIS A 7 -5.08 4.38 -0.55
C HIS A 7 -6.48 3.85 0.15
N TYR A 8 -6.56 2.80 1.02
CA TYR A 8 -7.76 2.24 1.67
C TYR A 8 -8.29 2.98 2.98
N ILE A 9 -9.62 3.25 3.03
CA ILE A 9 -10.29 4.15 3.90
C ILE A 9 -11.55 3.39 4.48
N THR A 10 -12.04 3.62 5.77
CA THR A 10 -13.11 2.87 6.43
C THR A 10 -14.33 3.76 6.65
N TYR A 11 -15.47 3.13 6.69
CA TYR A 11 -16.59 3.84 7.24
C TYR A 11 -17.33 2.86 8.14
N ARG A 12 -18.02 3.47 9.10
CA ARG A 12 -18.89 2.78 10.00
C ARG A 12 -20.17 3.55 10.08
N ILE A 13 -21.28 2.89 9.78
CA ILE A 13 -22.54 3.59 9.92
C ILE A 13 -22.96 3.47 11.36
N ASN A 14 -22.83 4.59 12.04
CA ASN A 14 -22.89 4.74 13.52
C ASN A 14 -24.22 4.55 14.13
N ASN A 15 -25.24 5.12 13.53
CA ASN A 15 -26.54 4.87 13.97
C ASN A 15 -27.34 5.21 12.77
N TYR A 16 -28.61 4.76 12.83
CA TYR A 16 -29.67 4.77 11.85
C TYR A 16 -30.78 5.67 12.23
N THR A 17 -31.21 6.46 11.22
CA THR A 17 -32.45 7.28 11.31
C THR A 17 -33.65 6.32 11.36
N PRO A 18 -34.69 6.66 12.13
CA PRO A 18 -35.85 5.75 12.05
C PRO A 18 -36.76 6.13 10.98
N ASP A 19 -36.29 6.97 10.00
CA ASP A 19 -37.04 7.22 8.80
C ASP A 19 -36.88 5.89 7.98
N MET A 20 -35.97 5.01 8.36
CA MET A 20 -35.64 3.59 8.13
C MET A 20 -35.93 2.98 6.80
N ASN A 21 -35.77 1.59 7.22
CA ASN A 21 -35.43 0.34 6.52
C ASN A 21 -33.99 0.51 6.69
N ARG A 22 -33.42 -0.15 7.73
CA ARG A 22 -31.98 -0.07 7.95
C ARG A 22 -31.31 -0.28 6.58
N GLU A 23 -31.34 -1.52 6.18
CA GLU A 23 -30.79 -1.94 4.99
C GLU A 23 -30.96 -0.90 3.87
N ASP A 24 -31.98 -0.09 3.85
CA ASP A 24 -31.94 0.82 2.68
C ASP A 24 -30.85 1.92 2.72
N VAL A 25 -30.28 2.10 3.91
CA VAL A 25 -29.40 3.18 4.23
C VAL A 25 -28.05 2.61 4.06
N ASP A 26 -27.94 1.31 4.26
CA ASP A 26 -26.67 0.56 4.15
C ASP A 26 -26.36 0.77 2.75
N TYR A 27 -27.41 0.71 1.93
CA TYR A 27 -27.31 0.69 0.47
C TYR A 27 -26.96 2.05 0.04
N ALA A 28 -27.92 2.98 0.24
CA ALA A 28 -27.86 4.41 -0.16
C ALA A 28 -26.44 4.94 0.14
N ILE A 29 -25.95 4.42 1.27
CA ILE A 29 -24.60 4.79 1.69
C ILE A 29 -23.57 4.03 0.98
N ARG A 30 -23.51 2.71 1.18
CA ARG A 30 -22.46 1.86 0.64
C ARG A 30 -22.18 2.41 -0.73
N LYS A 31 -23.33 2.84 -1.29
CA LYS A 31 -23.42 3.19 -2.72
C LYS A 31 -23.00 4.52 -3.05
N ALA A 32 -23.36 5.50 -2.20
CA ALA A 32 -22.79 6.85 -2.17
C ALA A 32 -21.24 6.78 -2.24
N PHE A 33 -20.69 5.95 -1.38
CA PHE A 33 -19.25 5.87 -1.36
C PHE A 33 -18.83 5.52 -2.75
N GLN A 34 -19.48 4.53 -3.32
CA GLN A 34 -19.13 3.88 -4.61
C GLN A 34 -18.95 4.93 -5.66
N VAL A 35 -19.93 5.76 -5.70
CA VAL A 35 -19.73 6.88 -6.53
C VAL A 35 -18.33 7.36 -6.58
N TRP A 36 -17.65 7.58 -5.49
CA TRP A 36 -16.37 8.16 -5.44
C TRP A 36 -15.32 7.17 -5.81
N SER A 37 -15.52 5.83 -5.78
CA SER A 37 -14.29 5.05 -5.82
C SER A 37 -14.02 4.50 -7.22
N ASN A 38 -15.11 5.05 -7.82
CA ASN A 38 -15.35 4.68 -9.21
C ASN A 38 -14.92 5.67 -10.22
N VAL A 39 -13.82 6.35 -9.97
CA VAL A 39 -13.44 7.60 -10.66
C VAL A 39 -12.08 7.98 -9.97
N THR A 40 -11.76 7.10 -9.17
CA THR A 40 -10.95 7.32 -7.97
C THR A 40 -10.38 6.01 -7.44
N PRO A 41 -9.06 6.34 -7.08
CA PRO A 41 -8.32 5.08 -6.72
C PRO A 41 -8.59 4.43 -5.41
N LEU A 42 -9.62 4.86 -4.73
CA LEU A 42 -9.99 4.27 -3.39
C LEU A 42 -11.11 3.25 -3.28
N LYS A 43 -10.98 2.65 -2.06
CA LYS A 43 -11.79 1.55 -1.59
C LYS A 43 -12.53 2.11 -0.43
N PHE A 44 -13.63 1.42 -0.05
CA PHE A 44 -14.40 1.80 1.12
C PHE A 44 -14.88 0.56 1.91
N SER A 45 -14.79 0.55 3.23
CA SER A 45 -15.12 -0.60 3.97
C SER A 45 -15.98 -0.27 5.21
N LYS A 46 -17.20 -0.92 5.35
CA LYS A 46 -18.22 -0.69 6.43
C LYS A 46 -17.82 -1.67 7.50
N ILE A 47 -16.94 -1.21 8.42
CA ILE A 47 -16.71 -2.12 9.54
C ILE A 47 -17.77 -1.87 10.60
N ASN A 48 -18.05 -2.84 11.45
CA ASN A 48 -19.10 -2.78 12.42
C ASN A 48 -18.56 -2.76 13.81
N THR A 49 -17.25 -2.53 13.93
CA THR A 49 -16.66 -2.71 15.27
C THR A 49 -15.27 -2.25 15.33
N GLY A 50 -14.99 -1.31 16.24
CA GLY A 50 -13.64 -0.73 16.35
C GLY A 50 -13.85 0.64 15.74
N MET A 51 -12.79 1.40 15.47
CA MET A 51 -13.05 2.80 15.04
C MET A 51 -12.77 3.04 13.55
N ALA A 52 -13.86 3.12 12.78
CA ALA A 52 -13.72 3.36 11.34
C ALA A 52 -13.07 4.68 11.04
N ASP A 53 -12.68 4.97 9.79
CA ASP A 53 -12.20 6.38 9.46
C ASP A 53 -13.05 7.46 8.90
N ILE A 54 -14.13 7.11 8.21
CA ILE A 54 -15.30 7.94 7.93
C ILE A 54 -16.47 7.57 8.75
N LEU A 55 -17.10 8.54 9.35
CA LEU A 55 -18.22 8.16 10.18
C LEU A 55 -19.52 8.85 9.75
N VAL A 56 -20.50 8.04 9.48
CA VAL A 56 -21.84 8.50 9.18
C VAL A 56 -22.59 8.54 10.46
N VAL A 57 -23.35 9.62 10.63
CA VAL A 57 -24.10 9.81 11.83
C VAL A 57 -25.33 10.58 11.49
N PHE A 58 -26.36 10.38 12.32
CA PHE A 58 -27.63 11.00 12.20
C PHE A 58 -27.99 11.57 13.55
N ALA A 59 -27.73 12.86 13.77
CA ALA A 59 -28.02 13.48 15.02
C ALA A 59 -28.73 14.73 14.67
N ARG A 60 -29.06 15.56 15.66
CA ARG A 60 -30.02 16.64 15.36
C ARG A 60 -29.79 17.83 16.25
N GLY A 61 -30.29 18.98 15.85
CA GLY A 61 -29.83 20.17 16.41
C GLY A 61 -28.41 20.27 16.92
N ALA A 62 -28.29 20.30 18.24
CA ALA A 62 -27.06 20.31 18.89
C ALA A 62 -26.47 18.91 19.23
N HIS A 63 -25.49 18.45 18.42
CA HIS A 63 -25.07 17.03 18.52
C HIS A 63 -23.73 16.59 19.21
N GLY A 64 -22.76 17.48 19.37
CA GLY A 64 -21.40 17.25 19.56
C GLY A 64 -20.33 18.24 19.29
N ASP A 65 -20.35 19.02 18.29
CA ASP A 65 -19.56 19.67 17.31
C ASP A 65 -18.99 20.99 17.69
N ASP A 66 -19.83 21.95 17.74
CA ASP A 66 -19.75 23.37 17.77
C ASP A 66 -20.50 23.90 16.60
N HIS A 67 -20.77 22.94 15.67
CA HIS A 67 -21.48 23.50 14.48
C HIS A 67 -22.84 22.77 14.51
N ALA A 68 -23.85 23.33 15.17
CA ALA A 68 -25.17 22.75 15.29
C ALA A 68 -25.97 22.62 14.02
N PHE A 69 -27.09 21.91 14.02
CA PHE A 69 -27.99 21.78 12.93
C PHE A 69 -29.13 22.81 12.99
N ASP A 70 -30.23 22.65 12.27
CA ASP A 70 -31.18 23.72 12.22
C ASP A 70 -32.57 23.29 11.81
N GLY A 71 -32.92 22.02 11.67
CA GLY A 71 -34.30 21.77 11.81
C GLY A 71 -35.11 21.27 10.66
N LYS A 72 -35.37 21.94 9.60
CA LYS A 72 -36.07 21.16 8.59
C LYS A 72 -35.78 22.05 7.51
N GLY A 73 -34.81 21.60 6.75
CA GLY A 73 -34.23 22.41 5.68
C GLY A 73 -32.88 22.90 5.96
N GLY A 74 -32.63 24.05 5.35
CA GLY A 74 -31.31 24.72 5.46
C GLY A 74 -30.26 23.65 5.56
N ILE A 75 -29.53 23.56 6.60
CA ILE A 75 -28.54 22.54 6.57
C ILE A 75 -29.17 21.18 6.78
N LEU A 76 -28.71 20.21 5.96
CA LEU A 76 -29.12 18.85 5.95
C LEU A 76 -28.08 17.80 6.26
N ALA A 77 -26.84 18.21 6.32
CA ALA A 77 -25.64 17.46 6.43
C ALA A 77 -24.58 18.47 6.29
N HIS A 78 -23.54 18.15 6.99
CA HIS A 78 -22.26 18.74 7.04
C HIS A 78 -21.30 17.54 7.26
N ALA A 79 -20.14 17.50 6.65
CA ALA A 79 -19.17 16.46 6.99
C ALA A 79 -17.86 17.17 7.17
N PHE A 80 -16.83 16.54 7.67
CA PHE A 80 -15.59 17.17 8.12
C PHE A 80 -14.57 16.66 7.19
N GLY A 81 -13.90 17.57 6.46
CA GLY A 81 -12.73 17.24 5.64
C GLY A 81 -11.77 16.31 6.39
N PRO A 82 -10.86 15.67 5.64
CA PRO A 82 -9.96 14.57 6.23
C PRO A 82 -9.06 15.11 7.34
N GLY A 83 -8.69 14.25 8.24
CA GLY A 83 -8.21 14.76 9.52
C GLY A 83 -8.52 13.61 10.45
N SER A 84 -7.59 13.20 11.28
CA SER A 84 -7.93 12.24 12.23
C SER A 84 -9.13 12.81 12.91
N GLY A 85 -9.61 11.95 13.81
CA GLY A 85 -10.49 12.23 14.95
C GLY A 85 -11.97 12.43 14.82
N ILE A 86 -12.30 13.16 13.81
CA ILE A 86 -13.59 13.73 13.39
C ILE A 86 -12.86 14.47 12.26
N GLY A 87 -12.77 13.82 11.13
CA GLY A 87 -11.95 14.14 10.03
C GLY A 87 -12.61 12.93 9.38
N GLY A 88 -13.51 13.41 8.49
CA GLY A 88 -14.13 12.80 7.37
C GLY A 88 -15.45 12.35 7.72
N ASP A 89 -15.88 12.50 8.98
CA ASP A 89 -17.25 12.15 9.38
C ASP A 89 -18.26 12.98 8.53
N ALA A 90 -19.38 12.31 8.24
CA ALA A 90 -20.49 12.88 7.52
C ALA A 90 -21.66 12.73 8.44
N HIS A 91 -22.29 13.82 8.72
CA HIS A 91 -23.35 13.95 9.54
C HIS A 91 -24.50 14.46 8.83
N PHE A 92 -25.62 13.98 9.37
CA PHE A 92 -27.04 14.06 8.77
C PHE A 92 -28.10 14.48 9.73
N ASP A 93 -28.74 15.58 9.37
CA ASP A 93 -29.85 16.28 10.08
C ASP A 93 -31.07 15.44 10.18
N GLU A 94 -31.34 14.87 11.32
CA GLU A 94 -32.40 13.95 11.47
C GLU A 94 -33.75 14.64 11.33
N ASP A 95 -33.86 15.91 11.68
CA ASP A 95 -35.16 16.53 11.49
C ASP A 95 -35.80 16.53 10.06
N GLU A 96 -35.00 16.17 9.02
CA GLU A 96 -35.55 15.77 7.71
C GLU A 96 -36.01 14.34 7.79
N PHE A 97 -36.56 14.00 6.63
CA PHE A 97 -37.16 12.75 6.36
C PHE A 97 -36.28 12.36 5.15
N TRP A 98 -35.65 11.25 5.36
CA TRP A 98 -34.79 10.67 4.33
C TRP A 98 -35.45 9.58 3.50
N THR A 99 -35.04 9.50 2.28
CA THR A 99 -35.68 8.65 1.36
C THR A 99 -34.77 7.95 0.37
N THR A 100 -35.22 6.78 0.05
CA THR A 100 -34.86 6.06 -1.18
C THR A 100 -35.47 6.65 -2.42
N HIS A 101 -36.47 7.45 -2.28
CA HIS A 101 -37.15 8.08 -3.36
C HIS A 101 -36.91 9.53 -3.41
N SER A 102 -37.83 10.29 -3.94
CA SER A 102 -37.52 11.71 -4.10
C SER A 102 -38.62 12.55 -3.48
N GLY A 103 -39.63 11.87 -2.93
CA GLY A 103 -40.49 12.43 -1.83
C GLY A 103 -39.45 12.74 -0.73
N GLY A 104 -39.80 13.67 0.14
CA GLY A 104 -38.83 13.92 1.16
C GLY A 104 -37.44 14.40 0.67
N THR A 105 -36.36 14.05 1.37
CA THR A 105 -35.03 14.60 1.10
C THR A 105 -34.09 13.49 0.91
N ASN A 106 -33.79 13.25 -0.29
CA ASN A 106 -33.01 12.05 -0.67
C ASN A 106 -31.72 11.84 0.19
N LEU A 107 -31.39 10.57 0.56
CA LEU A 107 -30.17 10.35 1.26
C LEU A 107 -29.24 9.74 0.29
N PHE A 108 -29.55 9.66 -1.11
CA PHE A 108 -28.47 9.12 -1.92
C PHE A 108 -27.51 10.22 -2.38
N LEU A 109 -28.38 11.13 -2.87
CA LEU A 109 -27.92 12.35 -3.39
C LEU A 109 -27.13 13.20 -2.34
N THR A 110 -27.54 13.15 -1.03
CA THR A 110 -26.98 14.04 0.00
C THR A 110 -25.83 13.23 0.51
N ALA A 111 -26.03 11.89 0.62
CA ALA A 111 -24.89 11.16 1.13
C ALA A 111 -23.67 11.36 0.26
N VAL A 112 -23.84 11.49 -1.06
CA VAL A 112 -22.74 11.54 -1.99
C VAL A 112 -22.09 12.86 -2.08
N HIS A 113 -22.89 13.94 -2.11
CA HIS A 113 -22.38 15.32 -1.96
C HIS A 113 -21.59 15.49 -0.70
N GLU A 114 -22.20 15.04 0.35
CA GLU A 114 -21.48 15.17 1.48
C GLU A 114 -20.42 14.09 1.64
N ILE A 115 -20.10 13.30 0.68
CA ILE A 115 -18.98 12.44 1.00
C ILE A 115 -17.78 13.01 0.33
N GLY A 116 -18.03 13.55 -0.77
CA GLY A 116 -16.97 14.37 -1.20
C GLY A 116 -16.32 15.15 -0.11
N HIS A 117 -16.89 16.24 0.37
CA HIS A 117 -16.44 17.03 1.48
C HIS A 117 -15.56 16.24 2.37
N SER A 118 -16.07 15.15 2.88
CA SER A 118 -15.40 14.22 3.71
C SER A 118 -14.08 13.83 3.17
N LEU A 119 -14.11 14.04 1.97
CA LEU A 119 -13.17 13.63 1.00
C LEU A 119 -12.08 14.55 0.56
N GLY A 120 -12.45 15.74 0.24
CA GLY A 120 -11.68 16.92 0.12
C GLY A 120 -12.20 18.14 -0.53
N LEU A 121 -13.14 17.96 -1.40
CA LEU A 121 -13.78 18.91 -2.23
C LEU A 121 -14.55 19.90 -1.38
N GLY A 122 -14.44 21.14 -1.74
CA GLY A 122 -15.27 22.27 -1.48
C GLY A 122 -16.56 22.04 -2.25
N HIS A 123 -17.24 23.00 -2.69
CA HIS A 123 -18.34 22.91 -3.58
C HIS A 123 -17.90 23.03 -4.99
N SER A 124 -18.91 22.95 -5.74
CA SER A 124 -18.81 23.24 -7.15
C SER A 124 -19.75 24.38 -7.48
N SER A 125 -19.14 25.48 -8.01
CA SER A 125 -19.91 26.64 -8.46
C SER A 125 -20.89 26.06 -9.50
N ASP A 126 -20.39 24.96 -10.14
CA ASP A 126 -21.09 24.13 -11.18
C ASP A 126 -22.55 23.81 -10.83
N PRO A 127 -23.53 24.35 -11.60
CA PRO A 127 -24.92 24.02 -11.20
C PRO A 127 -25.06 22.47 -11.25
N LYS A 128 -25.10 21.98 -12.49
CA LYS A 128 -25.15 20.55 -12.79
C LYS A 128 -24.43 19.54 -11.71
N ALA A 129 -23.62 20.09 -10.78
CA ALA A 129 -22.76 19.26 -9.92
C ALA A 129 -23.63 18.66 -8.81
N VAL A 130 -23.31 17.40 -8.45
CA VAL A 130 -23.95 16.73 -7.27
C VAL A 130 -23.63 17.45 -6.02
N MET A 131 -23.49 18.72 -6.38
CA MET A 131 -23.75 19.82 -5.58
C MET A 131 -23.07 21.12 -5.77
N PHE A 132 -23.60 21.89 -6.57
CA PHE A 132 -23.98 23.26 -6.47
C PHE A 132 -24.84 23.08 -5.18
N PRO A 133 -24.21 23.44 -3.98
CA PRO A 133 -25.06 23.48 -2.74
C PRO A 133 -26.44 24.04 -3.12
N THR A 134 -27.37 23.11 -3.30
CA THR A 134 -28.68 23.33 -4.01
C THR A 134 -28.92 21.86 -4.55
N TYR A 135 -29.18 20.91 -3.68
CA TYR A 135 -29.42 19.47 -3.95
C TYR A 135 -30.42 19.14 -5.11
N LYS A 136 -29.88 18.66 -6.22
CA LYS A 136 -30.66 18.30 -7.41
C LYS A 136 -31.11 16.89 -7.38
N TYR A 137 -32.08 16.75 -6.47
CA TYR A 137 -33.12 15.75 -6.38
C TYR A 137 -33.64 15.06 -7.79
N VAL A 138 -32.73 14.29 -8.33
CA VAL A 138 -32.73 13.85 -9.71
C VAL A 138 -33.11 12.37 -9.84
N ASP A 139 -33.13 11.78 -11.04
CA ASP A 139 -33.37 10.30 -11.10
C ASP A 139 -32.20 9.55 -10.38
N ILE A 140 -32.24 8.19 -10.21
CA ILE A 140 -31.32 7.65 -9.21
C ILE A 140 -30.24 6.53 -9.45
N ASN A 141 -30.30 5.79 -10.57
CA ASN A 141 -29.41 4.62 -10.75
C ASN A 141 -28.69 4.97 -12.08
N THR A 142 -29.18 5.98 -12.78
CA THR A 142 -28.69 6.36 -14.05
C THR A 142 -27.61 7.46 -13.82
N PHE A 143 -27.97 8.36 -12.83
CA PHE A 143 -27.16 9.54 -12.31
C PHE A 143 -25.67 9.29 -12.25
N ARG A 144 -24.93 10.41 -12.27
CA ARG A 144 -23.46 10.36 -12.34
C ARG A 144 -22.74 11.73 -12.17
N LEU A 145 -21.46 11.62 -11.81
CA LEU A 145 -20.63 12.83 -11.59
C LEU A 145 -20.66 13.92 -12.69
N SER A 146 -21.19 15.09 -12.38
CA SER A 146 -20.91 16.23 -13.38
C SER A 146 -19.40 16.23 -13.57
N ALA A 147 -19.01 16.28 -14.82
CA ALA A 147 -17.55 16.18 -15.13
C ALA A 147 -16.76 17.06 -14.17
N ASP A 148 -17.29 18.26 -13.99
CA ASP A 148 -16.73 19.12 -13.00
C ASP A 148 -16.24 18.44 -11.66
N ASP A 149 -17.17 17.81 -10.91
CA ASP A 149 -16.83 17.18 -9.58
C ASP A 149 -15.64 16.19 -9.86
N ILE A 150 -15.77 15.48 -11.02
CA ILE A 150 -14.73 14.57 -11.43
C ILE A 150 -13.33 15.19 -11.49
N ARG A 151 -13.27 16.47 -11.83
CA ARG A 151 -11.98 17.14 -11.79
C ARG A 151 -11.35 17.29 -10.42
N GLY A 152 -12.11 17.77 -9.47
CA GLY A 152 -11.39 18.05 -8.28
C GLY A 152 -11.68 16.87 -7.43
N ILE A 153 -11.18 15.65 -7.66
CA ILE A 153 -11.47 14.38 -6.88
C ILE A 153 -10.35 13.69 -7.52
N GLN A 154 -10.45 14.00 -8.82
CA GLN A 154 -9.37 13.72 -9.66
C GLN A 154 -8.16 14.65 -9.41
N SER A 155 -8.35 15.98 -9.30
CA SER A 155 -7.26 16.85 -8.87
C SER A 155 -6.45 16.27 -7.67
N LEU A 156 -7.12 15.89 -6.71
CA LEU A 156 -6.73 15.45 -5.43
C LEU A 156 -6.32 14.02 -5.42
N TYR A 157 -6.80 13.36 -6.37
CA TYR A 157 -6.46 11.90 -6.28
C TYR A 157 -6.25 11.50 -7.69
N GLY A 158 -6.08 10.28 -8.12
CA GLY A 158 -6.01 10.20 -9.60
C GLY A 158 -7.33 9.96 -10.31
N ASP A 159 -7.59 9.30 -11.32
CA ASP A 159 -7.46 8.40 -12.39
C ASP A 159 -6.65 7.21 -11.79
N PRO A 160 -7.44 6.26 -12.21
CA PRO A 160 -7.32 4.86 -11.81
C PRO A 160 -6.69 3.80 -12.61
N LYS A 161 -5.98 3.12 -11.74
CA LYS A 161 -4.78 2.29 -11.84
C LYS A 161 -4.61 1.17 -12.86
N GLU A 162 -5.10 1.17 -14.12
CA GLU A 162 -4.63 0.49 -15.35
C GLU A 162 -5.73 0.13 -16.36
N ASN A 163 -6.21 1.21 -17.00
CA ASN A 163 -6.85 1.46 -18.24
C ASN A 163 -7.75 2.66 -18.46
N GLN A 164 -8.70 2.64 -19.44
CA GLN A 164 -9.47 3.87 -19.82
C GLN A 164 -10.98 3.82 -19.75
N ARG A 165 -11.29 4.92 -19.07
CA ARG A 165 -12.34 5.36 -18.13
C ARG A 165 -13.76 6.01 -18.27
N LEU A 166 -14.29 6.02 -17.01
CA LEU A 166 -15.69 6.06 -16.58
C LEU A 166 -16.62 5.67 -17.72
N PRO A 167 -16.71 4.29 -17.93
CA PRO A 167 -16.09 3.21 -17.00
C PRO A 167 -14.78 3.36 -15.97
N ASN A 168 -14.74 2.41 -15.03
CA ASN A 168 -13.85 2.38 -13.84
C ASN A 168 -12.42 1.65 -14.02
N PRO A 169 -11.86 0.95 -12.95
CA PRO A 169 -10.51 0.23 -13.10
C PRO A 169 -10.50 -1.34 -12.86
N ASP A 170 -9.49 -2.08 -13.42
CA ASP A 170 -9.48 -3.59 -13.41
C ASP A 170 -8.29 -3.84 -12.46
N ASN A 171 -7.96 -5.12 -12.32
CA ASN A 171 -7.17 -5.67 -11.12
C ASN A 171 -6.36 -6.94 -11.49
N SER A 172 -5.07 -6.79 -11.92
CA SER A 172 -4.36 -7.87 -12.71
C SER A 172 -3.72 -9.01 -11.97
N GLU A 173 -2.91 -9.88 -12.58
CA GLU A 173 -2.25 -11.09 -12.21
C GLU A 173 -1.26 -11.76 -13.05
N PRO A 174 0.10 -12.02 -13.15
CA PRO A 174 1.17 -11.80 -12.08
C PRO A 174 1.21 -10.31 -11.89
N ALA A 175 0.94 -9.58 -10.79
CA ALA A 175 0.87 -8.09 -10.94
C ALA A 175 1.58 -7.08 -9.98
N LEU A 176 1.75 -5.89 -10.56
CA LEU A 176 2.36 -4.74 -9.97
C LEU A 176 1.62 -4.41 -8.71
N CYS A 177 0.38 -4.90 -8.57
CA CYS A 177 -0.28 -4.68 -7.28
C CYS A 177 -1.30 -5.75 -6.73
N ASP A 178 -1.15 -7.01 -7.10
CA ASP A 178 -1.84 -7.95 -6.29
C ASP A 178 -1.17 -7.64 -4.91
N PRO A 179 -1.95 -7.22 -3.91
CA PRO A 179 -1.37 -6.79 -2.66
C PRO A 179 -1.00 -7.99 -1.79
N ASN A 180 -0.72 -9.09 -2.41
CA ASN A 180 -0.27 -10.26 -1.66
C ASN A 180 0.96 -10.71 -2.53
N LEU A 181 1.60 -9.70 -3.16
CA LEU A 181 2.85 -9.82 -3.94
C LEU A 181 3.96 -10.00 -2.89
N SER A 182 4.48 -11.21 -2.80
CA SER A 182 5.55 -11.63 -1.86
C SER A 182 6.88 -11.66 -2.60
N PHE A 183 8.06 -11.88 -1.95
CA PHE A 183 9.27 -12.14 -2.82
C PHE A 183 10.10 -13.30 -2.58
N ASP A 184 10.63 -13.83 -3.70
CA ASP A 184 11.56 -14.94 -3.66
C ASP A 184 12.74 -14.47 -2.85
N ALA A 185 13.49 -13.54 -3.55
CA ALA A 185 14.63 -12.67 -3.08
C ALA A 185 14.54 -11.28 -3.69
N VAL A 186 15.41 -10.41 -3.24
CA VAL A 186 15.56 -9.05 -3.82
C VAL A 186 16.86 -8.28 -3.46
N THR A 187 17.29 -7.44 -4.41
CA THR A 187 18.49 -6.63 -4.34
C THR A 187 18.41 -5.52 -5.24
N THR A 188 19.36 -4.69 -5.06
CA THR A 188 19.52 -3.55 -5.97
C THR A 188 20.87 -3.87 -6.64
N VAL A 189 21.16 -3.39 -7.83
CA VAL A 189 22.47 -3.62 -8.40
C VAL A 189 22.60 -2.22 -8.85
N GLY A 190 23.48 -1.60 -8.13
CA GLY A 190 23.99 -0.26 -8.36
C GLY A 190 22.90 0.71 -8.78
N ASN A 191 21.74 0.83 -8.12
CA ASN A 191 20.91 1.92 -8.61
C ASN A 191 19.74 1.39 -9.40
N LYS A 192 19.57 0.05 -9.33
CA LYS A 192 18.26 -0.45 -9.70
C LYS A 192 17.94 -1.38 -8.64
N ILE A 193 16.70 -1.89 -8.65
CA ILE A 193 16.38 -3.04 -7.75
C ILE A 193 15.72 -4.16 -8.43
N PHE A 194 16.43 -5.32 -8.48
CA PHE A 194 15.84 -6.59 -8.99
C PHE A 194 14.98 -7.34 -8.02
N PHE A 195 13.74 -7.61 -8.37
CA PHE A 195 12.71 -8.17 -7.51
C PHE A 195 12.35 -9.56 -7.96
N PHE A 196 12.86 -10.55 -7.25
CA PHE A 196 12.71 -11.89 -7.72
C PHE A 196 11.43 -12.68 -7.35
N LYS A 197 10.89 -13.52 -8.23
CA LYS A 197 9.70 -14.31 -8.10
C LYS A 197 9.50 -15.47 -9.02
N ASP A 198 10.02 -16.67 -8.74
CA ASP A 198 9.73 -17.75 -9.67
C ASP A 198 10.35 -17.50 -10.97
N ARG A 199 9.75 -17.35 -12.10
CA ARG A 199 10.65 -17.05 -13.27
C ARG A 199 10.65 -15.57 -13.44
N PHE A 200 10.05 -14.83 -12.59
CA PHE A 200 9.93 -13.46 -12.83
C PHE A 200 10.83 -12.64 -12.00
N PHE A 201 11.08 -11.42 -12.49
CA PHE A 201 11.87 -10.38 -11.86
C PHE A 201 11.24 -9.09 -12.36
N TRP A 202 11.06 -8.08 -11.50
CA TRP A 202 10.48 -6.79 -11.91
C TRP A 202 11.55 -5.91 -11.55
N LEU A 203 11.88 -4.97 -12.39
CA LEU A 203 12.99 -4.06 -12.06
C LEU A 203 12.70 -2.56 -12.10
N LYS A 204 12.85 -1.85 -10.97
CA LYS A 204 13.55 -0.62 -10.62
C LYS A 204 12.97 0.13 -9.50
N VAL A 205 13.46 1.34 -9.25
CA VAL A 205 12.93 2.57 -8.52
C VAL A 205 13.13 3.99 -9.32
N SER A 206 14.45 4.36 -9.49
CA SER A 206 15.26 5.18 -10.52
C SER A 206 14.59 5.95 -11.57
N GLU A 207 13.84 6.93 -11.23
CA GLU A 207 13.49 7.96 -12.02
C GLU A 207 12.70 7.62 -13.26
N ARG A 208 12.59 6.33 -13.55
CA ARG A 208 11.91 5.51 -14.52
C ARG A 208 10.50 5.26 -13.95
N PRO A 209 9.59 5.95 -14.41
CA PRO A 209 8.33 5.61 -13.86
C PRO A 209 7.77 4.34 -14.36
N LYS A 210 7.96 3.24 -13.81
CA LYS A 210 7.22 2.08 -13.86
C LYS A 210 7.93 0.85 -14.40
N THR A 211 7.73 -0.15 -13.65
CA THR A 211 8.00 -1.49 -13.38
C THR A 211 7.42 -2.34 -14.50
N SER A 212 8.33 -3.11 -14.98
CA SER A 212 8.41 -3.93 -16.17
C SER A 212 8.85 -5.25 -15.73
N VAL A 213 7.99 -6.15 -15.63
CA VAL A 213 8.45 -7.46 -15.23
C VAL A 213 8.86 -8.29 -16.39
N ASN A 214 9.80 -9.18 -16.17
CA ASN A 214 10.51 -9.93 -17.22
C ASN A 214 10.88 -11.35 -16.73
N LEU A 215 11.38 -12.21 -17.64
CA LEU A 215 11.80 -13.61 -17.20
C LEU A 215 13.19 -13.61 -16.71
N ILE A 216 13.54 -14.53 -15.83
CA ILE A 216 14.95 -14.48 -15.38
C ILE A 216 16.03 -15.09 -16.29
N SER A 217 15.56 -15.90 -17.21
CA SER A 217 16.42 -16.57 -18.14
C SER A 217 16.81 -15.65 -19.27
N SER A 218 16.29 -14.44 -19.24
CA SER A 218 16.71 -13.54 -20.26
C SER A 218 17.98 -12.75 -19.80
N LEU A 219 18.04 -12.25 -18.59
CA LEU A 219 19.22 -11.62 -18.33
C LEU A 219 20.21 -12.64 -17.91
N TRP A 220 19.85 -13.75 -17.41
CA TRP A 220 20.67 -14.63 -16.70
C TRP A 220 20.83 -16.08 -17.09
N PRO A 221 22.25 -16.17 -17.43
CA PRO A 221 22.88 -17.36 -17.85
C PRO A 221 22.94 -18.68 -17.23
N THR A 222 23.67 -18.80 -16.17
CA THR A 222 24.33 -20.17 -15.97
C THR A 222 23.43 -20.66 -14.91
N LEU A 223 22.34 -19.76 -14.64
CA LEU A 223 21.38 -19.74 -13.42
C LEU A 223 19.91 -20.15 -13.41
N PRO A 224 19.36 -20.73 -12.26
CA PRO A 224 17.95 -21.21 -12.24
C PRO A 224 16.97 -20.14 -11.97
N SER A 225 15.71 -20.46 -12.17
CA SER A 225 14.69 -19.61 -11.76
C SER A 225 14.44 -19.86 -10.26
N GLY A 226 13.77 -18.91 -9.62
CA GLY A 226 13.21 -19.21 -8.34
C GLY A 226 14.12 -19.09 -7.18
N ILE A 227 15.32 -18.54 -7.41
CA ILE A 227 16.10 -17.54 -6.55
C ILE A 227 15.76 -17.25 -5.11
N GLU A 228 16.54 -17.63 -4.16
CA GLU A 228 16.07 -17.50 -2.80
C GLU A 228 16.50 -16.27 -1.94
N ALA A 229 17.68 -15.78 -2.28
CA ALA A 229 18.32 -14.67 -1.59
C ALA A 229 19.30 -14.04 -2.53
N ALA A 230 19.53 -12.75 -2.33
CA ALA A 230 20.50 -11.91 -3.12
C ALA A 230 21.04 -10.56 -2.49
N TYR A 231 22.29 -10.24 -2.78
CA TYR A 231 22.79 -8.94 -2.53
C TYR A 231 23.76 -8.60 -3.57
N GLU A 232 24.46 -7.52 -3.23
CA GLU A 232 25.33 -6.76 -4.12
C GLU A 232 26.46 -6.10 -3.34
N ILE A 233 27.43 -5.82 -4.12
CA ILE A 233 28.58 -5.10 -3.75
C ILE A 233 28.94 -4.03 -4.83
N GLU A 234 28.19 -2.91 -4.85
CA GLU A 234 28.30 -1.84 -5.84
C GLU A 234 29.68 -1.42 -6.28
N ALA A 235 30.67 -1.54 -5.38
CA ALA A 235 32.06 -1.27 -5.79
C ALA A 235 32.87 -2.35 -6.58
N ARG A 236 32.22 -3.27 -7.25
CA ARG A 236 32.94 -4.32 -7.87
C ARG A 236 32.02 -5.01 -8.85
N ASN A 237 30.90 -4.39 -9.05
CA ASN A 237 29.93 -4.79 -9.92
C ASN A 237 29.57 -6.23 -9.68
N GLN A 238 29.21 -6.60 -8.45
CA GLN A 238 28.90 -7.98 -8.23
C GLN A 238 27.52 -8.20 -7.64
N VAL A 239 26.66 -8.96 -8.34
CA VAL A 239 25.40 -9.38 -7.79
C VAL A 239 25.58 -10.83 -7.31
N PHE A 240 25.03 -11.23 -6.16
CA PHE A 240 25.23 -12.59 -5.66
C PHE A 240 23.84 -13.22 -5.57
N LEU A 241 23.63 -14.26 -6.38
CA LEU A 241 22.45 -15.09 -6.55
C LEU A 241 22.65 -16.41 -5.86
N PHE A 242 21.69 -16.68 -4.95
CA PHE A 242 21.71 -17.79 -3.95
C PHE A 242 20.50 -18.62 -4.21
N LYS A 243 20.74 -19.87 -4.50
CA LYS A 243 19.61 -20.78 -4.26
C LYS A 243 20.16 -22.21 -3.84
N ASP A 244 19.39 -22.83 -2.93
CA ASP A 244 19.80 -24.12 -2.47
C ASP A 244 21.15 -23.93 -1.96
N ASP A 245 21.93 -25.00 -1.98
CA ASP A 245 23.27 -25.02 -1.36
C ASP A 245 24.34 -24.32 -2.20
N LYS A 246 23.88 -23.76 -3.34
CA LYS A 246 24.73 -23.16 -4.35
C LYS A 246 24.39 -21.66 -4.58
N TYR A 247 25.46 -20.96 -4.98
CA TYR A 247 25.42 -19.55 -5.31
C TYR A 247 26.13 -19.14 -6.63
N TRP A 248 25.76 -17.91 -7.08
CA TRP A 248 26.33 -17.43 -8.32
C TRP A 248 26.92 -16.01 -8.31
N LEU A 249 28.20 -15.85 -8.67
CA LEU A 249 28.70 -14.53 -8.81
C LEU A 249 28.50 -13.99 -10.16
N ILE A 250 28.47 -12.68 -10.23
CA ILE A 250 27.97 -11.95 -11.35
C ILE A 250 28.83 -10.65 -11.52
N SER A 251 28.92 -10.08 -12.73
CA SER A 251 29.49 -8.82 -12.92
C SER A 251 28.82 -8.31 -14.10
N ASN A 252 28.49 -7.06 -14.12
CA ASN A 252 28.10 -6.35 -15.24
C ASN A 252 27.10 -7.02 -16.07
N LEU A 253 26.26 -7.88 -15.47
CA LEU A 253 25.46 -9.08 -15.97
C LEU A 253 26.27 -10.15 -16.65
N ARG A 254 27.21 -10.79 -15.94
CA ARG A 254 28.17 -11.72 -16.56
C ARG A 254 28.84 -12.41 -15.41
N PRO A 255 28.59 -13.69 -15.18
CA PRO A 255 29.09 -14.69 -14.24
C PRO A 255 30.58 -15.02 -13.88
N GLU A 256 31.37 -14.02 -13.43
CA GLU A 256 32.89 -14.12 -13.26
C GLU A 256 33.47 -15.58 -13.27
N PRO A 257 34.73 -15.79 -13.81
CA PRO A 257 35.42 -17.16 -13.82
C PRO A 257 35.11 -18.27 -12.67
N ASN A 258 34.13 -19.17 -12.99
CA ASN A 258 33.66 -20.38 -12.13
C ASN A 258 32.27 -20.88 -11.56
N TYR A 259 31.09 -20.23 -11.77
CA TYR A 259 29.96 -20.60 -10.85
C TYR A 259 28.94 -21.71 -11.32
N PRO A 260 28.06 -22.28 -10.43
CA PRO A 260 27.88 -22.02 -9.07
C PRO A 260 28.95 -22.83 -8.34
N LYS A 261 28.80 -22.73 -6.98
CA LYS A 261 29.84 -23.03 -6.06
C LYS A 261 29.22 -23.25 -4.81
N SER A 262 29.99 -23.64 -3.85
CA SER A 262 29.21 -23.84 -2.69
C SER A 262 29.04 -22.63 -1.79
N ILE A 263 28.01 -22.68 -0.94
CA ILE A 263 27.82 -21.77 0.12
C ILE A 263 28.54 -22.14 1.33
N HIS A 264 29.75 -22.60 1.54
CA HIS A 264 30.12 -23.24 2.79
C HIS A 264 31.62 -23.13 3.05
N SER A 265 32.43 -22.94 2.12
CA SER A 265 33.36 -21.97 1.55
C SER A 265 32.76 -20.56 1.57
N PHE A 266 32.21 -20.20 2.68
CA PHE A 266 31.86 -18.73 2.66
C PHE A 266 31.64 -18.51 4.18
N GLY A 267 31.00 -19.65 4.61
CA GLY A 267 31.18 -20.41 5.83
C GLY A 267 30.03 -20.57 6.71
N PHE A 268 29.83 -21.72 7.06
CA PHE A 268 28.63 -22.00 7.82
C PHE A 268 28.87 -23.49 8.20
N PRO A 269 27.81 -24.00 8.99
CA PRO A 269 27.93 -25.52 8.92
C PRO A 269 27.05 -26.18 7.91
N ASN A 270 27.26 -27.46 7.64
CA ASN A 270 26.51 -28.39 6.90
C ASN A 270 25.15 -28.56 7.50
N PHE A 271 24.93 -27.99 8.64
CA PHE A 271 23.67 -27.89 9.42
C PHE A 271 22.75 -26.89 8.71
N VAL A 272 23.38 -26.15 7.75
CA VAL A 272 22.77 -24.93 7.08
C VAL A 272 22.50 -25.31 5.60
N LYS A 273 21.23 -25.54 5.26
CA LYS A 273 21.03 -25.89 3.85
C LYS A 273 20.59 -24.86 2.68
N LYS A 274 20.55 -23.57 2.95
CA LYS A 274 19.83 -22.64 2.12
C LYS A 274 19.85 -21.23 2.83
N ILE A 275 19.99 -20.16 2.05
CA ILE A 275 20.13 -18.83 2.55
C ILE A 275 18.84 -18.36 2.15
N ASP A 276 18.14 -17.62 3.02
CA ASP A 276 16.81 -17.09 2.65
C ASP A 276 16.63 -15.66 2.24
N ALA A 277 17.44 -14.77 2.83
CA ALA A 277 17.51 -13.32 2.62
C ALA A 277 18.97 -12.84 2.77
N ALA A 278 19.39 -11.75 2.18
CA ALA A 278 20.81 -11.36 2.32
C ALA A 278 20.88 -9.92 1.97
N VAL A 279 21.77 -9.26 2.71
CA VAL A 279 21.94 -7.79 2.45
C VAL A 279 23.28 -7.29 2.81
N PHE A 280 23.94 -6.65 1.88
CA PHE A 280 25.27 -6.11 2.08
C PHE A 280 25.29 -4.64 2.48
N ASN A 281 26.08 -4.33 3.52
CA ASN A 281 26.18 -3.07 4.20
C ASN A 281 27.55 -2.43 3.95
N PRO A 282 27.53 -1.57 2.98
CA PRO A 282 28.80 -0.85 2.76
C PRO A 282 29.32 0.13 3.92
N ARG A 283 28.50 0.76 4.72
CA ARG A 283 28.83 1.68 5.82
C ARG A 283 30.04 1.12 6.57
N PHE A 284 30.05 -0.22 6.67
CA PHE A 284 30.87 -1.05 7.61
C PHE A 284 31.51 -2.36 7.19
N TYR A 285 31.23 -2.80 6.03
CA TYR A 285 31.69 -3.82 5.11
C TYR A 285 31.32 -5.23 5.45
N ARG A 286 30.01 -5.52 5.52
CA ARG A 286 29.55 -6.86 6.02
C ARG A 286 28.30 -7.29 5.30
N THR A 287 28.04 -8.58 5.23
CA THR A 287 26.85 -9.04 4.53
C THR A 287 25.96 -9.69 5.52
N TYR A 288 24.69 -9.46 5.48
CA TYR A 288 23.88 -10.17 6.42
C TYR A 288 23.18 -11.42 5.88
N PHE A 289 23.53 -12.67 6.30
CA PHE A 289 22.83 -13.90 5.92
C PHE A 289 21.75 -14.44 6.85
N PHE A 290 20.62 -14.85 6.35
CA PHE A 290 19.47 -15.20 7.19
C PHE A 290 19.00 -16.52 6.94
N VAL A 291 19.16 -17.34 7.89
CA VAL A 291 18.74 -18.76 7.99
C VAL A 291 17.50 -19.07 8.73
N ASP A 292 16.33 -19.71 8.16
CA ASP A 292 15.14 -19.14 8.77
C ASP A 292 15.51 -18.29 9.98
N ASN A 293 15.59 -18.74 11.09
CA ASN A 293 15.46 -18.47 12.46
C ASN A 293 16.52 -17.52 12.86
N GLN A 294 17.64 -17.56 12.19
CA GLN A 294 18.83 -16.98 12.72
C GLN A 294 19.65 -16.25 11.66
N TYR A 295 20.63 -15.41 12.00
CA TYR A 295 21.42 -14.87 10.93
C TYR A 295 22.94 -14.85 11.05
N TRP A 296 23.62 -14.35 10.04
CA TRP A 296 25.05 -14.53 10.07
C TRP A 296 25.66 -13.36 9.38
N ARG A 297 26.83 -12.95 9.82
CA ARG A 297 27.43 -11.84 9.22
C ARG A 297 28.85 -12.07 8.76
N TYR A 298 29.15 -11.67 7.56
CA TYR A 298 30.35 -12.14 6.90
C TYR A 298 31.15 -10.99 6.70
N ASP A 299 32.33 -11.11 7.15
CA ASP A 299 33.17 -9.98 7.06
C ASP A 299 33.75 -10.00 5.64
N GLU A 300 33.30 -9.00 4.84
CA GLU A 300 33.65 -9.10 3.46
C GLU A 300 35.09 -8.89 3.26
N ARG A 301 35.69 -8.16 4.02
CA ARG A 301 37.01 -7.70 3.59
C ARG A 301 38.11 -8.60 4.14
N ARG A 302 37.57 -9.59 4.89
CA ARG A 302 38.51 -10.57 5.48
C ARG A 302 38.19 -11.99 5.14
N GLN A 303 37.00 -12.22 4.73
CA GLN A 303 36.48 -13.45 4.25
C GLN A 303 36.30 -14.39 5.38
N MET A 304 35.51 -14.02 6.25
CA MET A 304 35.64 -14.56 7.55
C MET A 304 34.30 -14.30 8.37
N MET A 305 33.44 -15.23 8.74
CA MET A 305 32.40 -14.75 9.68
C MET A 305 33.04 -13.94 10.90
N ASP A 306 32.26 -13.00 11.47
CA ASP A 306 32.86 -12.15 12.45
C ASP A 306 32.68 -13.14 13.59
N PRO A 307 33.14 -12.82 14.79
CA PRO A 307 32.87 -13.75 15.79
C PRO A 307 31.39 -13.84 16.25
N GLY A 308 31.07 -15.00 16.78
CA GLY A 308 29.80 -15.33 17.31
C GLY A 308 28.55 -15.43 16.50
N TYR A 309 28.47 -16.36 15.51
CA TYR A 309 27.40 -16.22 14.63
C TYR A 309 26.17 -17.01 14.31
N PRO A 310 25.86 -18.14 14.94
CA PRO A 310 24.57 -17.78 14.26
C PRO A 310 24.05 -16.93 15.39
N LYS A 311 22.83 -16.47 15.17
CA LYS A 311 22.26 -15.60 16.08
C LYS A 311 20.81 -15.70 16.02
N LEU A 312 20.09 -14.72 16.46
CA LEU A 312 18.61 -14.86 16.65
C LEU A 312 17.89 -13.61 16.00
N ILE A 313 17.19 -13.81 14.86
CA ILE A 313 16.82 -12.65 14.12
C ILE A 313 16.04 -11.65 15.04
N THR A 314 15.27 -12.04 16.08
CA THR A 314 14.37 -11.12 16.73
C THR A 314 14.95 -10.39 17.90
N LYS A 315 15.79 -11.07 18.57
CA LYS A 315 16.69 -10.58 19.60
C LYS A 315 17.68 -9.48 19.14
N ASN A 316 17.95 -9.40 17.86
CA ASN A 316 18.93 -8.56 17.39
C ASN A 316 18.39 -7.54 16.35
N PHE A 317 17.34 -7.97 15.75
CA PHE A 317 16.55 -7.13 14.86
C PHE A 317 15.10 -6.93 15.34
N GLN A 318 14.73 -5.80 15.92
CA GLN A 318 13.50 -5.75 16.80
C GLN A 318 12.10 -5.88 16.03
N GLY A 319 11.46 -7.02 16.26
CA GLY A 319 10.17 -7.30 15.62
C GLY A 319 10.29 -7.71 14.12
N ILE A 320 11.23 -8.53 13.72
CA ILE A 320 11.11 -8.75 12.34
C ILE A 320 10.50 -10.14 11.81
N GLY A 321 9.78 -10.81 12.70
CA GLY A 321 9.34 -12.21 12.43
C GLY A 321 10.52 -13.12 12.45
N PRO A 322 10.34 -14.40 12.71
CA PRO A 322 11.41 -15.38 12.71
C PRO A 322 11.78 -16.00 11.39
N LYS A 323 11.19 -15.51 10.30
CA LYS A 323 11.49 -15.94 8.94
C LYS A 323 11.47 -14.69 8.13
N ILE A 324 12.38 -14.54 7.22
CA ILE A 324 12.35 -13.29 6.45
C ILE A 324 12.50 -13.58 4.94
N ASP A 325 11.64 -13.00 4.15
CA ASP A 325 11.70 -13.27 2.72
C ASP A 325 12.86 -12.50 2.04
N ALA A 326 12.94 -11.18 2.20
CA ALA A 326 13.95 -10.43 1.47
C ALA A 326 14.45 -9.18 2.29
N VAL A 327 15.77 -8.90 2.28
CA VAL A 327 16.31 -7.63 2.90
C VAL A 327 16.91 -6.83 1.86
N PHE A 328 17.13 -5.52 1.98
CA PHE A 328 18.05 -4.91 0.99
C PHE A 328 18.48 -3.57 1.48
N TYR A 329 19.60 -2.99 0.97
CA TYR A 329 20.17 -1.79 1.66
C TYR A 329 19.83 -0.49 1.03
N SER A 330 19.42 0.47 1.86
CA SER A 330 18.92 1.81 1.42
C SER A 330 20.08 2.73 1.46
N LYS A 331 20.29 3.39 0.35
CA LYS A 331 21.61 3.98 0.03
C LYS A 331 22.04 5.03 1.11
N ASN A 332 21.68 4.69 2.33
CA ASN A 332 21.79 5.67 3.46
C ASN A 332 21.34 5.32 4.92
N LYS A 333 21.72 4.17 5.43
CA LYS A 333 21.52 3.76 6.80
C LYS A 333 20.14 3.00 7.15
N TYR A 334 19.48 2.33 6.16
CA TYR A 334 18.34 1.38 6.44
C TYR A 334 18.50 0.09 5.74
N TYR A 335 17.72 -0.88 6.14
CA TYR A 335 17.49 -2.14 5.44
C TYR A 335 15.99 -2.13 5.36
N TYR A 336 15.44 -2.48 4.21
CA TYR A 336 14.03 -2.71 3.96
C TYR A 336 13.85 -4.18 3.93
N PHE A 337 13.02 -4.70 4.88
CA PHE A 337 12.61 -6.14 5.03
C PHE A 337 11.31 -6.49 4.46
N PHE A 338 11.28 -7.70 3.89
CA PHE A 338 10.09 -8.19 3.10
C PHE A 338 9.82 -9.51 3.75
N GLN A 339 8.82 -9.55 4.68
CA GLN A 339 8.33 -10.79 5.40
C GLN A 339 6.92 -10.66 4.76
N GLY A 340 6.50 -11.73 4.14
CA GLY A 340 5.24 -11.81 3.49
C GLY A 340 5.02 -10.66 2.58
N SER A 341 3.75 -10.25 2.43
CA SER A 341 3.28 -9.19 1.62
C SER A 341 3.40 -7.95 2.35
N ASN A 342 4.46 -8.00 3.13
CA ASN A 342 4.91 -6.99 4.08
C ASN A 342 6.40 -6.63 4.09
N GLN A 343 6.59 -5.39 4.29
CA GLN A 343 7.94 -4.97 4.23
C GLN A 343 8.13 -3.85 5.22
N PHE A 344 9.30 -3.78 5.87
CA PHE A 344 9.57 -2.81 6.97
C PHE A 344 10.68 -1.84 6.76
N GLU A 345 10.43 -0.53 6.76
CA GLU A 345 11.53 0.44 6.84
C GLU A 345 12.22 0.26 8.11
N TYR A 346 13.44 -0.30 8.08
CA TYR A 346 14.24 -0.55 9.31
C TYR A 346 15.56 0.23 9.53
N ASP A 347 15.51 1.29 10.35
CA ASP A 347 16.65 2.19 10.60
C ASP A 347 17.64 1.28 11.33
N PHE A 348 18.77 0.97 10.74
CA PHE A 348 19.63 0.08 11.50
C PHE A 348 20.51 0.74 12.56
N LEU A 349 20.47 2.06 12.46
CA LEU A 349 21.30 2.98 13.25
C LEU A 349 20.83 3.00 14.68
N LEU A 350 19.51 2.96 14.93
CA LEU A 350 18.98 2.90 16.26
C LEU A 350 18.03 1.70 16.30
N GLN A 351 18.14 0.77 15.37
CA GLN A 351 17.24 -0.39 15.35
C GLN A 351 15.80 -0.18 15.85
N ARG A 352 14.82 -0.14 14.91
CA ARG A 352 13.45 0.20 15.15
C ARG A 352 12.79 0.20 13.75
N ILE A 353 11.70 -0.51 13.64
CA ILE A 353 10.98 -0.40 12.48
C ILE A 353 10.34 1.05 12.53
N THR A 354 10.48 1.79 11.43
CA THR A 354 10.06 3.20 11.36
C THR A 354 8.95 3.51 10.28
N LYS A 355 8.75 2.61 9.35
CA LYS A 355 7.71 2.80 8.41
C LYS A 355 7.32 1.35 8.24
N THR A 356 6.01 1.05 8.09
CA THR A 356 5.69 -0.42 7.76
C THR A 356 5.09 -0.26 6.40
N LEU A 357 5.45 -0.98 5.33
CA LEU A 357 4.78 -0.66 4.10
C LEU A 357 4.38 -1.90 3.42
N LYS A 358 3.45 -1.63 2.56
CA LYS A 358 2.97 -2.65 1.74
C LYS A 358 4.13 -3.39 1.01
N SER A 359 4.29 -4.67 1.28
CA SER A 359 5.31 -5.36 0.45
C SER A 359 5.56 -4.71 -0.90
N ASN A 360 4.48 -4.37 -1.63
CA ASN A 360 4.70 -3.75 -3.00
C ASN A 360 4.75 -2.24 -3.22
N SER A 361 5.63 -1.51 -2.54
CA SER A 361 5.53 -0.05 -2.63
C SER A 361 6.26 0.60 -3.79
N TRP A 362 7.41 0.07 -4.28
CA TRP A 362 8.28 0.90 -5.24
C TRP A 362 7.86 0.70 -6.71
N PHE A 363 6.69 0.08 -6.80
CA PHE A 363 5.86 0.00 -7.97
C PHE A 363 4.75 1.06 -7.64
N GLY A 364 5.16 2.17 -6.94
CA GLY A 364 4.28 3.07 -6.19
C GLY A 364 2.86 2.91 -6.58
N CYS A 365 2.29 1.72 -6.45
CA CYS A 365 1.03 1.42 -7.15
C CYS A 365 -0.06 2.54 -7.35
ZN ZN B . -21.91 21.15 1.21
ZN ZN C . -21.92 17.46 13.25
CA CA D . -13.00 10.06 11.33
CA CA E . -36.51 12.60 10.65
CA CA F . -31.90 20.79 8.86
CA CA G . 13.37 -15.68 0.33
C1 HAE H . -19.61 21.29 5.59
C2 HAE H . -20.73 21.35 4.45
O2 HAE H . -20.46 20.84 3.28
N HAE H . -21.99 21.94 4.69
O HAE H . -23.07 21.95 3.75
#